data_4KIL
#
_entry.id   4KIL
#
_cell.length_a   88.699
_cell.length_b   100.868
_cell.length_c   66.441
_cell.angle_alpha   90.00
_cell.angle_beta   90.00
_cell.angle_gamma   90.00
#
_symmetry.space_group_name_H-M   'C 2 2 21'
#
loop_
_entity.id
_entity.type
_entity.pdbx_description
1 polymer 'Polymerase PA'
2 non-polymer 'MANGANESE (II) ION'
3 non-polymer 'SULFATE ION'
4 non-polymer 1,2-ETHANEDIOL
5 non-polymer 7-(4-fluorophenyl)-3-hydroxyquinolin-2(1H)-one
6 water water
#
_entity_poly.entity_id   1
_entity_poly.type   'polypeptide(L)'
_entity_poly.pdbx_seq_one_letter_code
;GPLSGPLGSMEDFVRQCFNPMIVELAEKAMKEYGEDPKIETNKFAAICTHLEVCFMYSDFHFIDERGESIIVESGDPNAL
LKHRFEIIEGRDRIMAWTVVNSICNTTGVEKPKFLPDLYDYKENRFIEIGVTRREVHIYYLEKANKIKSEKTHIHIFSFT
GEEMATKADYTLDEESRARIKTRLFTIRQEMASRSLWDSFRQSERGEETVEER
;
_entity_poly.pdbx_strand_id   A
#
loop_
_chem_comp.id
_chem_comp.type
_chem_comp.name
_chem_comp.formula
1R5 non-polymer 7-(4-fluorophenyl)-3-hydroxyquinolin-2(1H)-one 'C15 H10 F N O2'
EDO non-polymer 1,2-ETHANEDIOL 'C2 H6 O2'
MN non-polymer 'MANGANESE (II) ION' 'Mn 2'
SO4 non-polymer 'SULFATE ION' 'O4 S -2'
#
# COMPACT_ATOMS: atom_id res chain seq x y z
N GLY A 5 -23.29 18.58 4.37
CA GLY A 5 -23.36 19.89 5.05
C GLY A 5 -22.21 20.78 4.59
N PRO A 6 -21.39 21.29 5.53
CA PRO A 6 -20.29 22.21 5.20
C PRO A 6 -19.15 21.46 4.52
N LEU A 7 -18.41 22.13 3.64
CA LEU A 7 -17.28 21.48 2.98
C LEU A 7 -16.06 21.62 3.85
N GLY A 8 -15.44 20.48 4.12
CA GLY A 8 -14.23 20.45 4.89
C GLY A 8 -13.01 20.70 4.00
N SER A 9 -11.86 20.71 4.67
CA SER A 9 -10.57 20.79 3.99
C SER A 9 -10.00 19.40 3.89
N MET A 10 -9.50 19.03 2.71
CA MET A 10 -8.87 17.72 2.60
C MET A 10 -7.60 17.64 3.48
N GLU A 11 -6.88 18.76 3.65
CA GLU A 11 -5.71 18.78 4.57
C GLU A 11 -6.13 18.42 6.01
N ASP A 12 -7.20 19.04 6.51
CA ASP A 12 -7.73 18.71 7.84
C ASP A 12 -8.04 17.23 7.94
N PHE A 13 -8.68 16.68 6.90
CA PHE A 13 -9.06 15.28 6.93
C PHE A 13 -7.81 14.39 7.05
N VAL A 14 -6.83 14.65 6.21
CA VAL A 14 -5.62 13.85 6.24
C VAL A 14 -4.94 13.87 7.60
N ARG A 15 -4.76 15.06 8.15
CA ARG A 15 -4.05 15.20 9.42
C ARG A 15 -4.86 14.63 10.58
N GLN A 16 -6.18 14.60 10.45
CA GLN A 16 -7.04 14.06 11.49
C GLN A 16 -7.19 12.52 11.45
N CYS A 17 -7.30 11.96 10.24
CA CYS A 17 -7.62 10.55 10.11
C CYS A 17 -6.46 9.59 9.77
N PHE A 18 -5.27 10.12 9.50
CA PHE A 18 -4.06 9.29 9.33
C PHE A 18 -3.02 9.48 10.40
N ASN A 19 -2.33 8.39 10.74
CA ASN A 19 -1.27 8.40 11.72
C ASN A 19 -0.20 9.41 11.29
N PRO A 20 0.38 10.14 12.25
CA PRO A 20 1.35 11.16 11.86
C PRO A 20 2.55 10.61 11.09
N MET A 21 2.93 9.37 11.37
CA MET A 21 4.07 8.74 10.68
C MET A 21 3.76 8.64 9.20
N ILE A 22 2.52 8.24 8.89
CA ILE A 22 2.04 8.09 7.52
C ILE A 22 2.02 9.45 6.82
N VAL A 23 1.40 10.44 7.46
CA VAL A 23 1.35 11.80 6.91
C VAL A 23 2.75 12.34 6.58
N GLU A 24 3.67 12.16 7.50
CA GLU A 24 5.05 12.61 7.35
C GLU A 24 5.73 11.93 6.16
N LEU A 25 5.58 10.61 6.05
CA LEU A 25 6.19 9.86 4.93
C LEU A 25 5.60 10.32 3.61
N ALA A 26 4.31 10.63 3.60
CA ALA A 26 3.66 11.13 2.40
C ALA A 26 4.12 12.54 2.01
N GLU A 27 4.20 13.44 3.00
CA GLU A 27 4.76 14.78 2.78
C GLU A 27 6.17 14.72 2.20
N LYS A 28 7.01 13.85 2.76
CA LYS A 28 8.39 13.67 2.28
C LYS A 28 8.41 13.13 0.86
N ALA A 29 7.56 12.14 0.57
CA ALA A 29 7.42 11.59 -0.78
C ALA A 29 7.06 12.72 -1.78
N MET A 30 6.05 13.51 -1.46
CA MET A 30 5.63 14.57 -2.35
C MET A 30 6.76 15.61 -2.62
N LYS A 31 7.47 16.01 -1.58
CA LYS A 31 8.59 16.95 -1.74
C LYS A 31 9.67 16.36 -2.61
N GLU A 32 9.92 15.06 -2.42
CA GLU A 32 10.98 14.38 -3.14
C GLU A 32 10.71 14.50 -4.65
N TYR A 33 9.45 14.42 -5.04
CA TYR A 33 9.05 14.49 -6.45
C TYR A 33 8.57 15.89 -6.91
N GLY A 34 8.67 16.88 -6.04
CA GLY A 34 8.41 18.26 -6.42
C GLY A 34 6.93 18.63 -6.43
N GLU A 35 6.11 17.94 -5.65
CA GLU A 35 4.68 18.26 -5.62
C GLU A 35 4.28 18.77 -4.25
N ASP A 36 3.34 19.70 -4.18
CA ASP A 36 3.05 20.35 -2.90
C ASP A 36 1.77 19.79 -2.31
N PRO A 37 1.85 19.20 -1.09
CA PRO A 37 0.68 18.60 -0.46
C PRO A 37 -0.41 19.61 -0.14
N LYS A 38 -0.07 20.89 -0.09
CA LYS A 38 -1.06 21.95 0.19
C LYS A 38 -1.84 22.31 -1.06
N ILE A 39 -1.30 21.92 -2.20
CA ILE A 39 -1.93 22.16 -3.49
C ILE A 39 -2.56 20.88 -4.07
N GLU A 40 -1.77 19.80 -4.16
CA GLU A 40 -2.33 18.57 -4.71
C GLU A 40 -2.86 17.76 -3.51
N THR A 41 -4.06 18.12 -3.09
CA THR A 41 -4.56 17.66 -1.81
C THR A 41 -5.23 16.32 -1.95
N ASN A 42 -5.97 16.14 -3.04
CA ASN A 42 -6.57 14.86 -3.32
C ASN A 42 -5.41 13.86 -3.51
N LYS A 43 -4.34 14.30 -4.15
CA LYS A 43 -3.22 13.39 -4.34
C LYS A 43 -2.54 13.00 -3.01
N PHE A 44 -2.38 14.00 -2.16
CA PHE A 44 -1.88 13.81 -0.80
C PHE A 44 -2.68 12.72 -0.06
N ALA A 45 -4.02 12.85 -0.06
CA ALA A 45 -4.87 11.82 0.52
C ALA A 45 -4.73 10.44 -0.12
N ALA A 46 -4.55 10.38 -1.43
CA ALA A 46 -4.40 9.12 -2.13
C ALA A 46 -3.08 8.47 -1.70
N ILE A 47 -2.05 9.29 -1.55
CA ILE A 47 -0.72 8.80 -1.20
C ILE A 47 -0.73 8.24 0.22
N CYS A 48 -1.37 8.96 1.13
CA CYS A 48 -1.53 8.50 2.49
C CYS A 48 -2.31 7.19 2.55
N THR A 49 -3.39 7.13 1.79
CA THR A 49 -4.23 5.94 1.72
C THR A 49 -3.46 4.72 1.24
N HIS A 50 -2.72 4.86 0.14
CA HIS A 50 -1.91 3.80 -0.42
C HIS A 50 -0.81 3.35 0.54
N LEU A 51 -0.14 4.30 1.22
CA LEU A 51 0.88 3.96 2.18
C LEU A 51 0.27 3.14 3.33
N GLU A 52 -0.88 3.58 3.80
CA GLU A 52 -1.51 2.90 4.91
C GLU A 52 -1.89 1.45 4.51
N VAL A 53 -2.36 1.29 3.26
CA VAL A 53 -2.70 -0.04 2.76
C VAL A 53 -1.45 -0.91 2.74
N CYS A 54 -0.34 -0.36 2.30
CA CYS A 54 0.93 -1.10 2.29
C CYS A 54 1.32 -1.56 3.68
N PHE A 55 1.25 -0.66 4.65
CA PHE A 55 1.51 -1.04 6.04
C PHE A 55 0.53 -2.10 6.56
N MET A 56 -0.75 -1.95 6.25
CA MET A 56 -1.77 -2.84 6.75
C MET A 56 -1.62 -4.24 6.15
N TYR A 57 -1.17 -4.28 4.90
CA TYR A 57 -0.92 -5.52 4.18
C TYR A 57 0.14 -6.34 4.93
N SER A 58 1.18 -5.69 5.43
CA SER A 58 2.27 -6.40 6.08
C SER A 58 2.08 -6.57 7.56
N ASP A 59 1.18 -5.80 8.15
CA ASP A 59 0.95 -5.93 9.59
C ASP A 59 0.61 -7.33 10.05
N PHE A 60 1.27 -7.76 11.13
CA PHE A 60 0.93 -8.96 11.88
C PHE A 60 1.45 -10.24 11.24
N HIS A 61 2.07 -10.16 10.06
CA HIS A 61 2.47 -11.37 9.34
C HIS A 61 3.92 -11.71 9.54
N PHE A 62 4.19 -12.91 10.01
CA PHE A 62 5.55 -13.36 10.28
C PHE A 62 5.79 -14.71 9.66
N ILE A 63 7.06 -15.07 9.65
CA ILE A 63 7.43 -16.42 9.32
C ILE A 63 8.00 -16.99 10.61
N ASP A 64 7.49 -18.16 11.01
CA ASP A 64 7.70 -18.68 12.37
C ASP A 64 9.11 -19.25 12.58
N GLU A 65 9.32 -19.85 13.76
CA GLU A 65 10.63 -20.35 14.17
C GLU A 65 10.96 -21.65 13.42
N ARG A 66 9.92 -22.30 12.90
CA ARG A 66 10.07 -23.39 11.96
C ARG A 66 9.92 -22.88 10.52
N GLY A 67 9.77 -21.55 10.37
CA GLY A 67 9.84 -20.94 9.06
C GLY A 67 8.64 -21.08 8.13
N GLU A 68 7.44 -20.83 8.63
CA GLU A 68 6.23 -20.85 7.81
C GLU A 68 5.34 -19.69 8.28
N SER A 69 4.24 -19.44 7.59
CA SER A 69 3.55 -18.14 7.69
C SER A 69 2.48 -18.09 8.79
N ILE A 70 2.58 -17.12 9.69
CA ILE A 70 1.67 -17.00 10.83
C ILE A 70 1.28 -15.55 11.10
N ILE A 71 0.21 -15.40 11.90
CA ILE A 71 -0.31 -14.07 12.20
C ILE A 71 -0.21 -13.90 13.69
N VAL A 72 0.38 -12.81 14.13
CA VAL A 72 0.47 -12.49 15.54
C VAL A 72 0.01 -11.05 15.75
N GLU A 73 -1.15 -10.87 16.38
CA GLU A 73 -1.72 -9.52 16.56
C GLU A 73 -1.37 -8.95 17.92
N SER A 74 -0.70 -9.75 18.75
CA SER A 74 -0.20 -9.30 20.03
C SER A 74 0.82 -8.19 19.78
N GLY A 75 1.00 -7.31 20.76
CA GLY A 75 2.03 -6.28 20.69
C GLY A 75 3.36 -6.82 21.17
N ASP A 76 3.44 -8.15 21.30
CA ASP A 76 4.65 -8.85 21.71
C ASP A 76 5.06 -9.88 20.66
N PRO A 77 5.69 -9.40 19.56
CA PRO A 77 6.23 -10.27 18.49
C PRO A 77 7.51 -10.99 18.93
N ASN A 78 7.40 -12.16 19.57
CA ASN A 78 8.56 -12.86 20.13
C ASN A 78 9.70 -12.93 19.12
N ALA A 79 10.92 -12.71 19.61
CA ALA A 79 11.98 -12.16 18.76
C ALA A 79 12.55 -13.10 17.69
N LEU A 80 12.23 -14.40 17.77
CA LEU A 80 12.71 -15.35 16.76
C LEU A 80 11.89 -15.35 15.46
N LEU A 81 10.76 -14.66 15.47
CA LEU A 81 9.91 -14.52 14.31
C LEU A 81 10.48 -13.52 13.30
N LYS A 82 10.46 -13.91 12.02
CA LYS A 82 10.85 -13.06 10.89
C LYS A 82 9.61 -12.36 10.31
N HIS A 83 9.67 -11.04 10.19
CA HIS A 83 8.65 -10.30 9.48
C HIS A 83 8.52 -10.89 8.09
N ARG A 84 7.28 -11.09 7.66
CA ARG A 84 7.05 -11.76 6.40
C ARG A 84 7.30 -10.84 5.20
N PHE A 85 7.01 -9.55 5.36
CA PHE A 85 7.15 -8.61 4.25
C PHE A 85 8.25 -7.57 4.53
N GLU A 86 8.94 -7.19 3.45
CA GLU A 86 9.78 -5.97 3.45
C GLU A 86 8.92 -4.89 2.83
N ILE A 87 8.93 -3.70 3.45
CA ILE A 87 8.19 -2.56 2.91
C ILE A 87 9.14 -1.65 2.15
N ILE A 88 8.84 -1.48 0.87
CA ILE A 88 9.61 -0.60 -0.01
C ILE A 88 9.02 0.83 -0.14
N GLU A 89 7.70 0.92 -0.30
CA GLU A 89 7.00 2.20 -0.38
C GLU A 89 7.25 2.97 0.90
N GLY A 90 7.40 4.29 0.77
CA GLY A 90 7.62 5.14 1.93
C GLY A 90 9.05 5.50 2.17
N ARG A 91 9.94 4.71 1.59
CA ARG A 91 11.37 5.03 1.63
C ARG A 91 11.73 6.02 0.51
N ASP A 92 12.72 6.88 0.75
CA ASP A 92 13.25 7.76 -0.32
C ASP A 92 13.93 6.93 -1.39
N ARG A 93 14.18 7.52 -2.56
CA ARG A 93 14.65 6.72 -3.69
C ARG A 93 15.91 5.92 -3.41
N ILE A 94 16.88 6.56 -2.78
CA ILE A 94 18.17 5.94 -2.53
C ILE A 94 17.98 4.72 -1.64
N MET A 95 17.25 4.90 -0.55
CA MET A 95 17.04 3.79 0.40
C MET A 95 16.15 2.68 -0.19
N ALA A 96 15.16 3.07 -0.97
CA ALA A 96 14.28 2.10 -1.58
C ALA A 96 15.05 1.17 -2.54
N TRP A 97 15.90 1.74 -3.39
CA TRP A 97 16.70 0.93 -4.30
C TRP A 97 17.77 0.14 -3.56
N THR A 98 18.29 0.71 -2.46
CA THR A 98 19.23 -0.02 -1.62
C THR A 98 18.58 -1.34 -1.11
N VAL A 99 17.35 -1.24 -0.60
CA VAL A 99 16.60 -2.38 -0.08
C VAL A 99 16.27 -3.39 -1.19
N VAL A 100 15.81 -2.90 -2.33
CA VAL A 100 15.49 -3.76 -3.46
C VAL A 100 16.74 -4.52 -3.93
N ASN A 101 17.87 -3.83 -4.10
CA ASN A 101 19.09 -4.48 -4.54
C ASN A 101 19.53 -5.55 -3.59
N SER A 102 19.45 -5.24 -2.31
CA SER A 102 19.81 -6.17 -1.28
C SER A 102 18.99 -7.46 -1.39
N ILE A 103 17.68 -7.31 -1.57
CA ILE A 103 16.81 -8.47 -1.68
C ILE A 103 17.17 -9.28 -2.90
N CYS A 104 17.34 -8.59 -4.02
CA CYS A 104 17.63 -9.27 -5.27
C CYS A 104 18.93 -10.03 -5.22
N ASN A 105 19.98 -9.34 -4.78
CA ASN A 105 21.31 -9.95 -4.70
C ASN A 105 21.28 -11.14 -3.76
N THR A 106 20.41 -11.08 -2.75
CA THR A 106 20.29 -12.13 -1.74
C THR A 106 19.46 -13.32 -2.21
N THR A 107 18.16 -13.09 -2.35
CA THR A 107 17.19 -14.14 -2.64
C THR A 107 17.35 -14.71 -4.04
N GLY A 108 18.07 -14.00 -4.91
CA GLY A 108 18.21 -14.40 -6.30
C GLY A 108 17.10 -13.93 -7.23
N VAL A 109 16.03 -13.35 -6.69
CA VAL A 109 14.92 -12.88 -7.53
C VAL A 109 15.40 -11.75 -8.43
N GLU A 110 14.76 -11.63 -9.59
CA GLU A 110 15.18 -10.66 -10.60
C GLU A 110 14.87 -9.20 -10.17
N LYS A 111 15.71 -8.29 -10.61
CA LYS A 111 15.59 -6.90 -10.20
C LYS A 111 14.45 -6.23 -10.96
N PRO A 112 13.49 -5.63 -10.25
CA PRO A 112 12.42 -4.93 -10.97
C PRO A 112 12.93 -3.64 -11.64
N LYS A 113 12.20 -3.23 -12.67
CA LYS A 113 12.47 -2.00 -13.42
C LYS A 113 11.98 -0.73 -12.73
N PHE A 114 10.87 -0.82 -11.99
CA PHE A 114 10.33 0.28 -11.21
C PHE A 114 10.21 -0.20 -9.77
N LEU A 115 10.27 0.71 -8.81
CA LEU A 115 10.13 0.30 -7.41
C LEU A 115 8.74 -0.31 -7.16
N PRO A 116 8.69 -1.54 -6.60
CA PRO A 116 7.44 -2.14 -6.12
C PRO A 116 7.15 -1.65 -4.71
N ASP A 117 6.05 -2.09 -4.14
CA ASP A 117 5.64 -1.71 -2.80
C ASP A 117 6.15 -2.55 -1.64
N LEU A 118 6.20 -3.88 -1.84
CA LEU A 118 6.54 -4.84 -0.80
C LEU A 118 7.37 -5.96 -1.42
N TYR A 119 8.07 -6.69 -0.57
CA TYR A 119 8.61 -7.99 -0.92
C TYR A 119 8.06 -9.01 0.07
N ASP A 120 7.62 -10.14 -0.48
CA ASP A 120 7.03 -11.21 0.31
C ASP A 120 8.06 -12.30 0.44
N TYR A 121 8.60 -12.51 1.64
CA TYR A 121 9.58 -13.56 1.87
C TYR A 121 9.01 -14.97 1.87
N LYS A 122 7.69 -15.13 2.03
CA LYS A 122 7.10 -16.45 1.98
C LYS A 122 6.93 -16.88 0.53
N GLU A 123 6.34 -16.00 -0.26
CA GLU A 123 6.04 -16.32 -1.66
C GLU A 123 7.21 -16.00 -2.58
N ASN A 124 8.24 -15.38 -2.02
CA ASN A 124 9.46 -15.03 -2.76
C ASN A 124 9.21 -14.16 -4.00
N ARG A 125 8.47 -13.07 -3.83
CA ARG A 125 8.16 -12.16 -4.93
C ARG A 125 7.92 -10.73 -4.44
N PHE A 126 8.18 -9.76 -5.32
CA PHE A 126 7.79 -8.38 -5.07
C PHE A 126 6.31 -8.28 -5.32
N ILE A 127 5.69 -7.33 -4.63
CA ILE A 127 4.27 -7.00 -4.79
C ILE A 127 4.09 -5.54 -5.08
N GLU A 128 3.25 -5.26 -6.06
CA GLU A 128 2.74 -3.93 -6.35
C GLU A 128 1.31 -3.82 -5.83
N ILE A 129 1.10 -2.88 -4.93
CA ILE A 129 -0.22 -2.65 -4.34
C ILE A 129 -0.88 -1.52 -5.07
N GLY A 130 -2.08 -1.74 -5.59
CA GLY A 130 -2.88 -0.64 -6.11
C GLY A 130 -4.08 -0.31 -5.23
N VAL A 131 -4.43 0.98 -5.18
CA VAL A 131 -5.65 1.45 -4.56
C VAL A 131 -6.31 2.38 -5.54
N THR A 132 -7.58 2.08 -5.87
CA THR A 132 -8.27 2.77 -6.93
C THR A 132 -9.69 3.13 -6.56
N ARG A 133 -10.09 4.29 -7.09
CA ARG A 133 -11.45 4.82 -7.05
C ARG A 133 -12.24 4.38 -8.28
N ARG A 134 -11.60 3.63 -9.17
CA ARG A 134 -12.22 3.13 -10.41
C ARG A 134 -12.37 1.62 -10.41
N GLU A 135 -12.78 1.05 -11.53
CA GLU A 135 -12.93 -0.40 -11.67
C GLU A 135 -11.59 -1.11 -11.51
N VAL A 136 -11.55 -2.16 -10.69
CA VAL A 136 -10.28 -2.81 -10.41
C VAL A 136 -9.64 -3.41 -11.65
N HIS A 137 -10.44 -3.89 -12.60
CA HIS A 137 -9.87 -4.54 -13.78
C HIS A 137 -9.13 -3.53 -14.67
N ILE A 138 -9.66 -2.32 -14.74
CA ILE A 138 -9.04 -1.27 -15.52
C ILE A 138 -7.69 -0.89 -14.92
N TYR A 139 -7.67 -0.68 -13.62
CA TYR A 139 -6.44 -0.30 -12.95
C TYR A 139 -5.43 -1.46 -12.93
N TYR A 140 -5.92 -2.69 -12.81
CA TYR A 140 -5.02 -3.84 -12.87
C TYR A 140 -4.24 -3.82 -14.19
N LEU A 141 -4.96 -3.65 -15.28
CA LEU A 141 -4.35 -3.62 -16.60
C LEU A 141 -3.27 -2.55 -16.74
N GLU A 142 -3.55 -1.37 -16.21
CA GLU A 142 -2.60 -0.26 -16.30
C GLU A 142 -1.32 -0.57 -15.58
N LYS A 143 -1.44 -1.07 -14.35
CA LYS A 143 -0.30 -1.45 -13.56
C LYS A 143 0.53 -2.50 -14.29
N ALA A 144 -0.17 -3.49 -14.86
CA ALA A 144 0.48 -4.60 -15.53
C ALA A 144 1.29 -4.12 -16.73
N ASN A 145 0.74 -3.13 -17.43
CA ASN A 145 1.39 -2.53 -18.60
C ASN A 145 2.74 -1.90 -18.31
N LYS A 146 2.91 -1.34 -17.12
CA LYS A 146 4.22 -0.79 -16.72
C LYS A 146 5.19 -1.90 -16.28
N ILE A 147 4.66 -2.94 -15.66
CA ILE A 147 5.47 -4.06 -15.14
C ILE A 147 5.88 -5.07 -16.22
N LYS A 148 5.06 -5.22 -17.26
CA LYS A 148 5.37 -6.01 -18.45
C LYS A 148 5.76 -7.46 -18.15
N SER A 149 6.98 -7.86 -18.54
CA SER A 149 7.52 -9.12 -18.09
C SER A 149 7.56 -8.98 -16.57
N GLU A 150 6.85 -9.89 -15.92
CA GLU A 150 6.38 -9.65 -14.58
C GLU A 150 6.66 -10.85 -13.73
N LYS A 151 7.59 -10.71 -12.79
CA LYS A 151 7.59 -11.62 -11.66
C LYS A 151 6.95 -10.92 -10.50
N THR A 152 6.63 -9.64 -10.69
CA THR A 152 6.05 -8.80 -9.66
C THR A 152 4.54 -9.08 -9.58
N HIS A 153 4.09 -9.43 -8.39
CA HIS A 153 2.68 -9.74 -8.19
C HIS A 153 1.90 -8.46 -7.99
N ILE A 154 0.72 -8.33 -8.58
CA ILE A 154 -0.09 -7.14 -8.41
C ILE A 154 -1.31 -7.47 -7.59
N HIS A 155 -1.65 -6.60 -6.63
CA HIS A 155 -2.87 -6.72 -5.87
C HIS A 155 -3.57 -5.36 -5.75
N ILE A 156 -4.77 -5.28 -6.34
CA ILE A 156 -5.54 -4.05 -6.42
C ILE A 156 -6.74 -4.11 -5.45
N PHE A 157 -6.92 -3.06 -4.66
CA PHE A 157 -8.11 -2.84 -3.85
C PHE A 157 -8.84 -1.61 -4.36
N SER A 158 -10.17 -1.63 -4.38
CA SER A 158 -10.94 -0.43 -4.62
C SER A 158 -11.54 0.03 -3.32
N PHE A 159 -12.18 1.19 -3.33
CA PHE A 159 -12.84 1.69 -2.13
C PHE A 159 -14.21 1.04 -1.84
N THR A 160 -14.75 0.30 -2.82
CA THR A 160 -16.03 -0.38 -2.71
C THR A 160 -15.89 -1.88 -2.35
N GLY A 161 -14.69 -2.33 -2.07
CA GLY A 161 -14.48 -3.70 -1.63
C GLY A 161 -14.05 -4.70 -2.68
N GLU A 162 -14.01 -4.28 -3.96
CA GLU A 162 -13.57 -5.17 -5.04
C GLU A 162 -12.05 -5.35 -4.96
N GLU A 163 -11.55 -6.52 -5.38
CA GLU A 163 -10.10 -6.76 -5.44
C GLU A 163 -9.79 -7.49 -6.72
N MET A 164 -8.59 -7.29 -7.24
CA MET A 164 -8.11 -8.10 -8.35
C MET A 164 -6.64 -8.36 -8.10
N ALA A 165 -6.22 -9.60 -8.28
CA ALA A 165 -4.81 -9.93 -8.05
C ALA A 165 -4.33 -10.94 -9.08
N THR A 166 -3.02 -10.88 -9.33
CA THR A 166 -2.37 -11.71 -10.33
C THR A 166 -2.69 -13.19 -10.12
N LYS A 167 -3.15 -13.83 -11.18
CA LYS A 167 -3.44 -15.26 -11.22
C LYS A 167 -4.44 -15.69 -10.17
N ALA A 168 -5.28 -14.74 -9.74
CA ALA A 168 -6.32 -15.00 -8.72
C ALA A 168 -5.66 -15.53 -7.46
N ASP A 169 -4.42 -15.14 -7.26
CA ASP A 169 -3.64 -15.42 -6.06
C ASP A 169 -3.62 -14.18 -5.15
N TYR A 170 -4.35 -14.25 -4.03
CA TYR A 170 -4.66 -13.07 -3.19
C TYR A 170 -3.69 -12.89 -2.02
N THR A 171 -2.77 -13.86 -1.88
CA THR A 171 -1.60 -13.84 -0.99
C THR A 171 -1.94 -13.90 0.51
N LEU A 172 -2.95 -13.12 0.92
CA LEU A 172 -3.33 -13.01 2.33
C LEU A 172 -4.67 -13.69 2.56
N ASP A 173 -4.92 -14.06 3.81
CA ASP A 173 -6.21 -14.59 4.28
C ASP A 173 -7.31 -13.53 4.18
N GLU A 174 -8.57 -13.98 4.23
CA GLU A 174 -9.71 -13.08 4.09
C GLU A 174 -9.76 -12.04 5.19
N GLU A 175 -9.46 -12.42 6.43
CA GLU A 175 -9.54 -11.46 7.52
C GLU A 175 -8.58 -10.26 7.28
N SER A 176 -7.36 -10.54 6.84
CA SER A 176 -6.41 -9.45 6.60
C SER A 176 -6.91 -8.51 5.51
N ARG A 177 -7.40 -9.10 4.43
CA ARG A 177 -7.90 -8.29 3.34
C ARG A 177 -9.15 -7.52 3.77
N ALA A 178 -9.95 -8.12 4.64
CA ALA A 178 -11.15 -7.46 5.17
C ALA A 178 -10.80 -6.22 6.02
N ARG A 179 -9.70 -6.26 6.75
CA ARG A 179 -9.29 -5.08 7.53
C ARG A 179 -8.99 -3.93 6.59
N ILE A 180 -8.21 -4.20 5.55
CA ILE A 180 -7.92 -3.19 4.55
C ILE A 180 -9.18 -2.63 3.91
N LYS A 181 -10.07 -3.52 3.46
CA LYS A 181 -11.33 -3.06 2.88
C LYS A 181 -12.21 -2.23 3.84
N THR A 182 -12.24 -2.61 5.12
CA THR A 182 -13.03 -1.87 6.10
C THR A 182 -12.43 -0.45 6.26
N ARG A 183 -11.10 -0.36 6.26
CA ARG A 183 -10.42 0.93 6.40
C ARG A 183 -10.74 1.82 5.20
N LEU A 184 -10.70 1.26 4.00
CA LEU A 184 -11.02 2.03 2.79
C LEU A 184 -12.43 2.54 2.79
N PHE A 185 -13.35 1.69 3.25
CA PHE A 185 -14.73 2.07 3.35
C PHE A 185 -14.91 3.21 4.34
N THR A 186 -14.18 3.15 5.44
CA THR A 186 -14.23 4.18 6.49
C THR A 186 -13.69 5.53 5.96
N ILE A 187 -12.59 5.47 5.22
CA ILE A 187 -12.00 6.67 4.59
C ILE A 187 -13.01 7.29 3.65
N ARG A 188 -13.63 6.48 2.80
CA ARG A 188 -14.65 7.00 1.90
C ARG A 188 -15.86 7.64 2.62
N GLN A 189 -16.35 6.94 3.65
CA GLN A 189 -17.48 7.44 4.43
C GLN A 189 -17.17 8.77 5.10
N GLU A 190 -15.98 8.87 5.67
CA GLU A 190 -15.55 10.08 6.35
C GLU A 190 -15.33 11.24 5.35
N MET A 191 -14.67 10.97 4.22
CA MET A 191 -14.57 12.01 3.17
C MET A 191 -15.97 12.47 2.77
N ALA A 192 -16.86 11.51 2.55
CA ALA A 192 -18.24 11.84 2.18
C ALA A 192 -18.94 12.72 3.21
N SER A 193 -18.74 12.48 4.49
CA SER A 193 -19.42 13.31 5.50
C SER A 193 -18.90 14.73 5.47
N ARG A 194 -17.67 14.90 5.00
CA ARG A 194 -17.03 16.23 4.89
C ARG A 194 -17.22 16.87 3.50
N SER A 195 -18.06 16.22 2.68
CA SER A 195 -18.25 16.51 1.25
C SER A 195 -16.95 16.58 0.40
N LEU A 196 -15.99 15.74 0.75
CA LEU A 196 -14.72 15.66 0.02
C LEU A 196 -14.66 14.58 -1.01
N TRP A 197 -15.63 13.65 -0.97
CA TRP A 197 -15.51 12.40 -1.70
C TRP A 197 -15.69 12.54 -3.22
N ASP A 198 -16.73 13.24 -3.64
CA ASP A 198 -17.04 13.39 -5.06
C ASP A 198 -15.80 13.86 -5.82
N SER A 199 -15.23 14.94 -5.32
CA SER A 199 -14.04 15.51 -5.91
C SER A 199 -12.86 14.52 -5.90
N PHE A 200 -12.69 13.81 -4.80
CA PHE A 200 -11.57 12.90 -4.67
C PHE A 200 -11.74 11.73 -5.65
N ARG A 201 -12.97 11.26 -5.85
CA ARG A 201 -13.23 10.11 -6.72
C ARG A 201 -12.83 10.50 -8.15
N GLN A 202 -13.31 11.66 -8.55
CA GLN A 202 -13.17 12.12 -9.93
C GLN A 202 -11.75 12.52 -10.33
N SER A 203 -10.89 12.79 -9.37
CA SER A 203 -9.57 13.32 -9.66
C SER A 203 -8.46 12.28 -9.86
N GLU A 204 -8.76 10.98 -9.81
CA GLU A 204 -7.71 9.93 -9.83
C GLU A 204 -6.65 10.06 -10.95
MN MN B . 1.49 0.80 -5.40
MN MN C . 4.99 2.15 -4.82
S SO4 D . -6.73 19.03 -6.07
O1 SO4 D . -7.15 19.71 -4.84
O2 SO4 D . -5.85 19.94 -6.83
O3 SO4 D . -5.98 17.82 -5.68
O4 SO4 D . -7.88 18.63 -6.89
C1 EDO E . -3.42 10.79 -8.53
O1 EDO E . -3.69 9.64 -7.71
C2 EDO E . -4.52 11.83 -8.29
O2 EDO E . -5.18 11.55 -7.05
H11 EDO E . -2.45 11.21 -8.26
H12 EDO E . -3.40 10.50 -9.58
HO1 EDO E . -3.00 8.97 -7.86
H21 EDO E . -5.24 11.79 -9.11
H22 EDO E . -4.08 12.82 -8.26
HO2 EDO E . -5.87 12.21 -6.89
F 1R5 F . 4.92 13.28 -5.39
C10 1R5 F . 4.36 12.08 -5.55
C9 1R5 F . 4.61 11.06 -4.64
C8 1R5 F . 3.98 9.83 -4.81
C11 1R5 F . 3.50 11.88 -6.61
C12 1R5 F . 2.89 10.66 -6.78
C7 1R5 F . 3.13 9.63 -5.89
C6 1R5 F . 2.43 8.32 -6.10
C5 1R5 F . 3.05 7.11 -5.78
C4 1R5 F . 2.35 5.90 -6.00
N 1R5 F . 2.96 4.72 -5.67
C 1R5 F . 2.35 3.57 -5.87
O 1R5 F . 2.99 2.39 -5.55
C13 1R5 F . 1.13 8.34 -6.63
C14 1R5 F . 0.44 7.17 -6.84
C3 1R5 F . 1.08 5.93 -6.52
C2 1R5 F . 0.35 4.70 -6.73
C1 1R5 F . 1.06 3.52 -6.39
O1 1R5 F . 0.45 2.29 -6.55
#